data_7DPS
#
_entry.id   7DPS
#
_cell.length_a   60.862
_cell.length_b   67.568
_cell.length_c   102.648
_cell.angle_alpha   90.00
_cell.angle_beta   90.00
_cell.angle_gamma   90.00
#
_symmetry.space_group_name_H-M   'P 21 21 21'
#
loop_
_entity.id
_entity.type
_entity.pdbx_description
1 polymer 'DNA gyrase subunit B'
2 non-polymer 1H-benzimidazol-2-amine
3 non-polymer 'methyl (E)-3-(4-hydroxyphenyl)prop-2-enoate'
4 non-polymer 'PHOSPHATE ION'
5 water water
#
_entity_poly.entity_id   1
_entity_poly.type   'polypeptide(L)'
_entity_poly.pdbx_seq_one_letter_code
;LDAVRKRPGMYIGDTDDGTGLHHMVFEVVDNAIDEALAGHCKEIIVTIHADNSVSVQDDGRGIPTGIHPEEGVSAAEVIM
TVLHAGGKFDDNSYKVSGGLHGVGVSVVNALSQKLELVIQREGKIHRQIYEHGVPQAPLAVTGETEKTGTMVRFWPSLET
FTNVTEFEYEILAKRLRELSFLNSGVSIRLRDKRDGKEDHFHYEGG
;
_entity_poly.pdbx_strand_id   A,B
#
loop_
_chem_comp.id
_chem_comp.type
_chem_comp.name
_chem_comp.formula
AX7 non-polymer 1H-benzimidazol-2-amine 'C7 H7 N3'
HF6 non-polymer 'methyl (E)-3-(4-hydroxyphenyl)prop-2-enoate' 'C10 H10 O3'
PO4 non-polymer 'PHOSPHATE ION' 'O4 P -3'
#
# COMPACT_ATOMS: atom_id res chain seq x y z
N LEU A 1 -4.25 3.74 -7.30
CA LEU A 1 -3.09 2.81 -7.44
C LEU A 1 -3.26 1.40 -6.88
N ASP A 2 -4.28 1.17 -6.05
CA ASP A 2 -4.53 -0.18 -5.53
C ASP A 2 -4.73 -1.24 -6.62
N ALA A 3 -5.35 -0.86 -7.74
CA ALA A 3 -5.49 -1.78 -8.88
C ALA A 3 -4.15 -2.27 -9.41
N VAL A 4 -3.14 -1.39 -9.40
CA VAL A 4 -1.80 -1.80 -9.82
C VAL A 4 -1.15 -2.69 -8.76
N ARG A 5 -1.35 -2.35 -7.51
CA ARG A 5 -0.75 -3.11 -6.43
C ARG A 5 -1.31 -4.55 -6.36
N LYS A 6 -2.60 -4.73 -6.65
CA LYS A 6 -3.20 -6.07 -6.53
C LYS A 6 -2.86 -6.98 -7.73
N ARG A 7 -2.68 -6.40 -8.92
CA ARG A 7 -2.25 -7.16 -10.11
C ARG A 7 -1.05 -6.53 -10.84
N PRO A 8 0.13 -6.48 -10.18
CA PRO A 8 1.27 -5.74 -10.74
C PRO A 8 1.73 -6.28 -12.10
N GLY A 9 1.64 -7.60 -12.28
CA GLY A 9 1.99 -8.28 -13.51
C GLY A 9 1.22 -7.76 -14.70
N MET A 10 -0.05 -7.41 -14.49
CA MET A 10 -0.90 -6.92 -15.58
C MET A 10 -0.52 -5.53 -16.06
N TYR A 11 0.25 -4.79 -15.26
CA TYR A 11 0.67 -3.44 -15.60
C TYR A 11 2.14 -3.36 -16.03
N ILE A 12 3.03 -4.07 -15.35
CA ILE A 12 4.47 -3.92 -15.56
C ILE A 12 5.14 -5.13 -16.24
N GLY A 13 4.51 -6.28 -16.25
CA GLY A 13 5.12 -7.46 -16.79
C GLY A 13 5.50 -8.42 -15.69
N ASP A 14 5.88 -9.65 -16.04
CA ASP A 14 6.29 -10.68 -15.08
C ASP A 14 7.17 -10.19 -13.93
N THR A 15 6.71 -10.40 -12.72
CA THR A 15 7.40 -9.95 -11.55
C THR A 15 8.39 -10.90 -10.94
N ASP A 16 8.57 -12.04 -11.57
CA ASP A 16 9.50 -13.04 -11.06
C ASP A 16 10.70 -13.34 -11.91
N ASP A 17 10.62 -13.10 -13.20
CA ASP A 17 11.72 -13.44 -14.11
C ASP A 17 12.57 -12.28 -14.59
N GLY A 18 12.39 -11.14 -13.95
CA GLY A 18 13.13 -9.94 -14.28
C GLY A 18 12.49 -9.06 -15.32
N THR A 19 11.46 -9.54 -15.97
CA THR A 19 10.80 -8.75 -16.98
C THR A 19 10.22 -7.46 -16.45
N GLY A 20 9.38 -7.56 -15.44
CA GLY A 20 8.76 -6.43 -14.84
C GLY A 20 9.75 -5.48 -14.26
N LEU A 21 10.76 -6.02 -13.60
CA LEU A 21 11.77 -5.23 -12.98
C LEU A 21 12.40 -4.24 -13.92
N HIS A 22 12.78 -4.71 -15.10
CA HIS A 22 13.43 -3.90 -16.08
C HIS A 22 12.51 -2.92 -16.75
N HIS A 23 11.30 -3.34 -16.95
CA HIS A 23 10.26 -2.47 -17.49
C HIS A 23 9.97 -1.27 -16.59
N MET A 24 10.23 -1.41 -15.30
CA MET A 24 10.16 -0.28 -14.37
C MET A 24 11.10 0.86 -14.83
N VAL A 25 12.32 0.48 -15.18
CA VAL A 25 13.31 1.44 -15.67
C VAL A 25 12.84 2.06 -16.98
N PHE A 26 12.39 1.22 -17.90
CA PHE A 26 12.01 1.65 -19.24
C PHE A 26 10.86 2.65 -19.22
N GLU A 27 9.91 2.43 -18.33
CA GLU A 27 8.79 3.33 -18.18
C GLU A 27 9.25 4.72 -17.73
N VAL A 28 10.19 4.76 -16.79
CA VAL A 28 10.71 6.01 -16.31
C VAL A 28 11.47 6.67 -17.47
N VAL A 29 12.25 5.86 -18.17
CA VAL A 29 13.06 6.35 -19.29
C VAL A 29 12.21 7.00 -20.38
N ASP A 30 11.12 6.36 -20.79
CA ASP A 30 10.18 6.95 -21.77
C ASP A 30 9.73 8.34 -21.38
N ASN A 31 9.36 8.51 -20.12
CA ASN A 31 8.91 9.82 -19.65
C ASN A 31 10.07 10.84 -19.70
N ALA A 32 11.24 10.43 -19.21
CA ALA A 32 12.43 11.25 -19.21
C ALA A 32 12.86 11.70 -20.62
N ILE A 33 12.82 10.77 -21.57
CA ILE A 33 13.18 11.07 -22.96
C ILE A 33 12.28 12.16 -23.54
N ASP A 34 10.96 12.05 -23.35
CA ASP A 34 10.03 13.11 -23.77
C ASP A 34 10.30 14.46 -23.09
N GLU A 35 10.75 14.45 -21.84
CA GLU A 35 11.20 15.69 -21.17
C GLU A 35 12.42 16.29 -21.85
N ALA A 36 13.38 15.44 -22.16
CA ALA A 36 14.63 15.90 -22.76
C ALA A 36 14.42 16.53 -24.13
N LEU A 37 13.47 16.00 -24.91
CA LEU A 37 13.14 16.53 -26.24
C LEU A 37 12.77 18.01 -26.21
N ALA A 38 12.01 18.39 -25.19
CA ALA A 38 11.44 19.74 -25.11
C ALA A 38 12.33 20.79 -24.45
N GLY A 39 13.59 20.46 -24.13
CA GLY A 39 14.49 21.41 -23.46
C GLY A 39 15.96 21.20 -23.77
N HIS A 40 16.56 22.18 -24.45
CA HIS A 40 18.01 22.28 -24.82
C HIS A 40 19.05 21.43 -24.04
N CYS A 41 20.07 21.02 -24.79
CA CYS A 41 21.04 19.94 -24.46
C CYS A 41 20.49 18.51 -24.70
N LYS A 42 19.28 18.21 -24.18
CA LYS A 42 18.56 16.96 -24.54
C LYS A 42 19.38 15.72 -24.14
N GLU A 43 19.57 15.55 -22.85
CA GLU A 43 20.33 14.44 -22.29
C GLU A 43 19.60 13.83 -21.10
N ILE A 44 19.60 12.50 -21.03
CA ILE A 44 19.19 11.79 -19.83
C ILE A 44 20.36 10.97 -19.29
N ILE A 45 20.35 10.75 -17.97
CA ILE A 45 21.36 9.94 -17.30
C ILE A 45 20.64 8.87 -16.49
N VAL A 46 20.89 7.60 -16.81
CA VAL A 46 20.32 6.44 -16.12
C VAL A 46 21.41 5.78 -15.31
N THR A 47 21.26 5.76 -13.99
CA THR A 47 22.24 5.17 -13.08
C THR A 47 21.67 3.98 -12.29
N ILE A 48 22.43 2.88 -12.24
CA ILE A 48 22.16 1.75 -11.37
C ILE A 48 23.00 1.99 -10.12
N HIS A 49 22.34 2.26 -8.99
CA HIS A 49 23.08 2.56 -7.74
C HIS A 49 23.40 1.25 -7.03
N ALA A 50 24.45 1.29 -6.21
CA ALA A 50 24.97 0.13 -5.50
C ALA A 50 23.91 -0.51 -4.61
N ASP A 51 23.02 0.32 -4.07
CA ASP A 51 21.90 -0.17 -3.26
C ASP A 51 20.72 -0.77 -4.08
N ASN A 52 20.90 -1.01 -5.38
CA ASN A 52 19.88 -1.62 -6.22
C ASN A 52 18.68 -0.72 -6.54
N SER A 53 18.90 0.59 -6.53
CA SER A 53 17.92 1.54 -7.04
C SER A 53 18.43 2.05 -8.37
N VAL A 54 17.53 2.66 -9.14
CA VAL A 54 17.85 3.22 -10.45
C VAL A 54 17.37 4.66 -10.46
N SER A 55 18.22 5.57 -10.90
CA SER A 55 17.84 6.98 -11.02
C SER A 55 17.86 7.39 -12.48
N VAL A 56 16.98 8.30 -12.84
CA VAL A 56 16.87 8.78 -14.20
C VAL A 56 16.71 10.28 -14.17
N GLN A 57 17.76 10.98 -14.64
CA GLN A 57 17.81 12.44 -14.67
C GLN A 57 17.60 12.94 -16.11
N ASP A 58 16.77 13.96 -16.27
CA ASP A 58 16.66 14.67 -17.56
C ASP A 58 16.98 16.14 -17.36
N ASP A 59 17.34 16.82 -18.43
CA ASP A 59 17.58 18.28 -18.43
C ASP A 59 16.41 19.03 -19.09
N GLY A 60 15.21 18.47 -18.98
CA GLY A 60 13.99 19.08 -19.51
C GLY A 60 13.53 20.27 -18.70
N ARG A 61 12.31 20.70 -18.94
CA ARG A 61 11.77 21.89 -18.31
C ARG A 61 11.33 21.67 -16.87
N GLY A 62 11.22 20.40 -16.45
CA GLY A 62 10.71 20.05 -15.13
C GLY A 62 9.23 19.77 -15.22
N ILE A 63 8.79 18.63 -14.66
CA ILE A 63 7.37 18.29 -14.49
C ILE A 63 6.67 19.48 -13.81
N PRO A 64 5.43 19.82 -14.22
CA PRO A 64 4.76 20.97 -13.56
C PRO A 64 4.53 20.76 -12.06
N THR A 65 4.73 21.82 -11.27
CA THR A 65 4.67 21.75 -9.80
C THR A 65 3.44 22.42 -9.19
N GLY A 66 2.76 23.26 -9.95
CA GLY A 66 1.60 23.94 -9.44
C GLY A 66 0.46 23.03 -9.07
N ILE A 67 -0.38 23.49 -8.16
CA ILE A 67 -1.51 22.74 -7.70
C ILE A 67 -2.48 22.43 -8.81
N HIS A 68 -2.81 21.16 -8.95
CA HIS A 68 -3.76 20.73 -9.93
C HIS A 68 -5.13 21.19 -9.48
N PRO A 69 -5.81 21.96 -10.31
CA PRO A 69 -7.12 22.54 -10.00
C PRO A 69 -8.18 21.56 -9.56
N GLU A 70 -8.20 20.37 -10.11
CA GLU A 70 -9.18 19.43 -9.75
C GLU A 70 -8.78 18.45 -8.65
N GLU A 71 -7.51 18.07 -8.56
CA GLU A 71 -7.10 17.12 -7.56
C GLU A 71 -6.65 17.69 -6.26
N GLY A 72 -6.35 18.97 -6.22
CA GLY A 72 -5.92 19.64 -5.02
C GLY A 72 -4.51 19.43 -4.54
N VAL A 73 -3.70 18.80 -5.34
CA VAL A 73 -2.31 18.57 -5.00
C VAL A 73 -1.44 18.97 -6.17
N SER A 74 -0.15 18.97 -6.01
CA SER A 74 0.71 19.36 -7.10
C SER A 74 0.50 18.49 -8.33
N ALA A 75 0.76 19.05 -9.47
CA ALA A 75 0.63 18.36 -10.72
C ALA A 75 1.55 17.15 -10.80
N ALA A 76 2.76 17.27 -10.26
CA ALA A 76 3.71 16.21 -10.18
C ALA A 76 3.12 15.07 -9.39
N GLU A 77 2.50 15.37 -8.27
CA GLU A 77 1.86 14.36 -7.46
C GLU A 77 0.74 13.64 -8.18
N VAL A 78 -0.09 14.35 -8.93
CA VAL A 78 -1.13 13.75 -9.73
C VAL A 78 -0.53 12.69 -10.66
N ILE A 79 0.53 13.06 -11.35
CA ILE A 79 1.26 12.19 -12.24
C ILE A 79 1.82 10.95 -11.53
N MET A 80 2.29 11.09 -10.31
CA MET A 80 2.84 9.98 -9.59
C MET A 80 1.79 9.10 -8.93
N THR A 81 0.57 9.58 -8.79
CA THR A 81 -0.45 8.84 -8.07
C THR A 81 -1.77 8.52 -8.76
N VAL A 82 -1.92 8.92 -9.99
CA VAL A 82 -3.15 8.71 -10.72
C VAL A 82 -2.89 8.00 -12.03
N LEU A 83 -3.54 6.87 -12.21
CA LEU A 83 -3.39 6.12 -13.43
C LEU A 83 -3.83 6.96 -14.58
N GLY A 102 2.23 3.04 -23.51
CA GLY A 102 2.69 3.66 -22.28
C GLY A 102 1.84 3.39 -21.05
N VAL A 103 2.48 2.87 -20.03
CA VAL A 103 1.80 2.51 -18.79
C VAL A 103 1.72 3.63 -17.71
N GLY A 104 2.64 4.56 -17.73
CA GLY A 104 2.64 5.64 -16.79
C GLY A 104 3.58 5.42 -15.63
N VAL A 105 4.18 6.49 -15.12
CA VAL A 105 5.10 6.47 -13.97
C VAL A 105 4.42 6.20 -12.63
N SER A 106 3.10 6.34 -12.59
CA SER A 106 2.30 6.02 -11.44
C SER A 106 2.43 4.54 -11.09
N VAL A 107 2.62 3.74 -12.12
CA VAL A 107 2.81 2.30 -12.00
C VAL A 107 4.11 1.99 -11.33
N VAL A 108 5.17 2.69 -11.72
CA VAL A 108 6.49 2.50 -11.17
C VAL A 108 6.50 2.87 -9.71
N ASN A 109 5.87 3.97 -9.37
CA ASN A 109 5.73 4.49 -8.02
C ASN A 109 4.99 3.55 -7.09
N ALA A 110 3.89 3.03 -7.58
CA ALA A 110 3.08 2.10 -6.84
C ALA A 110 3.84 0.84 -6.42
N LEU A 111 4.73 0.40 -7.29
CA LEU A 111 5.53 -0.78 -7.11
C LEU A 111 6.90 -0.50 -6.61
N SER A 112 7.11 0.68 -6.11
CA SER A 112 8.40 1.00 -5.60
C SER A 112 8.32 1.12 -4.12
N GLN A 113 9.23 0.48 -3.41
CA GLN A 113 9.26 0.62 -1.98
C GLN A 113 9.59 2.06 -1.58
N LYS A 114 10.40 2.75 -2.35
CA LYS A 114 10.72 4.12 -2.15
C LYS A 114 10.90 4.80 -3.50
N LEU A 115 10.47 6.04 -3.58
CA LEU A 115 10.61 6.85 -4.77
C LEU A 115 10.98 8.29 -4.43
N GLU A 116 12.07 8.75 -4.97
CA GLU A 116 12.50 10.08 -4.76
C GLU A 116 12.28 10.92 -5.99
N LEU A 117 11.69 12.06 -5.83
CA LEU A 117 11.44 12.94 -6.92
C LEU A 117 12.07 14.30 -6.69
N VAL A 118 12.87 14.76 -7.65
CA VAL A 118 13.50 16.09 -7.58
C VAL A 118 13.24 16.86 -8.89
N ILE A 119 12.51 17.97 -8.78
CA ILE A 119 12.16 18.79 -9.94
C ILE A 119 12.83 20.15 -9.87
N GLN A 120 13.57 20.48 -10.92
CA GLN A 120 14.17 21.79 -11.06
C GLN A 120 13.39 22.58 -12.10
N ARG A 121 12.80 23.68 -11.65
CA ARG A 121 11.84 24.42 -12.44
C ARG A 121 11.61 25.82 -11.89
N GLU A 122 11.53 26.79 -12.80
CA GLU A 122 11.30 28.20 -12.49
C GLU A 122 12.18 28.70 -11.34
N GLY A 123 13.47 28.41 -11.44
CA GLY A 123 14.46 28.82 -10.44
C GLY A 123 14.42 28.09 -9.11
N LYS A 124 13.64 27.00 -9.00
CA LYS A 124 13.36 26.39 -7.69
C LYS A 124 13.64 24.90 -7.72
N ILE A 125 14.10 24.37 -6.59
CA ILE A 125 14.28 22.94 -6.42
C ILE A 125 13.09 22.44 -5.62
N HIS A 126 12.44 21.39 -6.11
CA HIS A 126 11.33 20.76 -5.40
C HIS A 126 11.66 19.30 -5.14
N ARG A 127 11.33 18.81 -3.95
CA ARG A 127 11.54 17.41 -3.59
C ARG A 127 10.31 16.77 -2.99
N GLN A 128 10.23 15.46 -3.17
CA GLN A 128 9.14 14.67 -2.57
C GLN A 128 9.57 13.22 -2.56
N ILE A 129 9.13 12.54 -1.51
CA ILE A 129 9.45 11.15 -1.27
C ILE A 129 8.16 10.38 -1.20
N TYR A 130 8.17 9.19 -1.78
CA TYR A 130 7.05 8.29 -1.76
C TYR A 130 7.53 6.95 -1.24
N GLU A 131 6.63 6.22 -0.58
CA GLU A 131 6.83 4.82 -0.22
C GLU A 131 5.63 4.02 -0.68
N HIS A 132 5.88 3.01 -1.52
CA HIS A 132 4.82 2.16 -2.12
C HIS A 132 3.74 3.01 -2.79
N GLY A 133 4.15 4.13 -3.36
CA GLY A 133 3.27 5.06 -4.04
C GLY A 133 2.54 6.07 -3.18
N VAL A 134 2.72 6.02 -1.87
CA VAL A 134 2.08 6.96 -0.96
C VAL A 134 3.06 8.12 -0.70
N PRO A 135 2.64 9.38 -0.92
CA PRO A 135 3.57 10.49 -0.65
C PRO A 135 3.79 10.68 0.85
N GLN A 136 5.04 10.92 1.24
CA GLN A 136 5.36 11.10 2.65
C GLN A 136 5.04 12.50 3.11
N ALA A 137 5.10 13.45 2.18
CA ALA A 137 4.71 14.81 2.40
C ALA A 137 4.42 15.45 1.04
N PRO A 138 3.83 16.67 1.03
CA PRO A 138 3.59 17.34 -0.22
C PRO A 138 4.88 17.81 -0.88
N LEU A 139 4.84 17.93 -2.20
CA LEU A 139 5.95 18.45 -2.98
C LEU A 139 6.32 19.80 -2.39
N ALA A 140 7.59 19.96 -2.05
CA ALA A 140 8.05 21.13 -1.32
C ALA A 140 9.23 21.78 -2.00
N VAL A 141 9.29 23.10 -1.95
CA VAL A 141 10.45 23.86 -2.43
C VAL A 141 11.57 23.77 -1.37
N THR A 142 12.73 23.24 -1.77
CA THR A 142 13.87 23.06 -0.86
C THR A 142 15.07 23.97 -1.14
N GLY A 143 15.02 24.81 -2.17
CA GLY A 143 16.15 25.67 -2.52
C GLY A 143 16.05 26.30 -3.90
N GLU A 144 17.11 27.02 -4.30
CA GLU A 144 17.16 27.72 -5.59
C GLU A 144 18.14 27.04 -6.55
N THR A 145 17.88 27.20 -7.84
CA THR A 145 18.73 26.62 -8.87
C THR A 145 18.66 27.36 -10.20
N GLU A 146 19.70 27.23 -10.98
CA GLU A 146 19.74 27.83 -12.29
C GLU A 146 19.35 26.83 -13.35
N LYS A 147 19.23 25.57 -12.98
CA LYS A 147 18.90 24.53 -13.92
C LYS A 147 17.46 24.07 -13.92
N THR A 148 17.11 23.32 -14.94
CA THR A 148 15.79 22.72 -15.04
C THR A 148 15.96 21.24 -15.26
N GLY A 149 14.98 20.47 -14.88
CA GLY A 149 15.07 19.06 -15.07
C GLY A 149 14.27 18.30 -14.08
N THR A 150 14.15 17.02 -14.33
CA THR A 150 13.43 16.12 -13.50
C THR A 150 14.34 14.93 -13.20
N MET A 151 14.31 14.49 -11.96
CA MET A 151 15.05 13.36 -11.51
C MET A 151 14.16 12.42 -10.72
N VAL A 152 14.13 11.16 -11.11
CA VAL A 152 13.40 10.12 -10.44
C VAL A 152 14.26 8.92 -10.08
N ARG A 153 14.42 8.69 -8.80
CA ARG A 153 15.13 7.52 -8.31
C ARG A 153 14.13 6.60 -7.61
N PHE A 154 14.14 5.33 -7.95
CA PHE A 154 13.19 4.42 -7.32
C PHE A 154 13.86 3.14 -6.88
N TRP A 155 13.32 2.57 -5.83
CA TRP A 155 13.78 1.37 -5.22
C TRP A 155 12.63 0.44 -5.40
N PRO A 156 12.75 -0.58 -6.23
CA PRO A 156 11.66 -1.51 -6.52
C PRO A 156 11.23 -2.31 -5.31
N SER A 157 9.94 -2.41 -5.12
CA SER A 157 9.48 -3.13 -4.00
C SER A 157 9.82 -4.59 -4.07
N LEU A 158 10.42 -5.08 -3.01
CA LEU A 158 10.75 -6.48 -2.91
C LEU A 158 9.59 -7.36 -2.45
N GLU A 159 8.40 -6.80 -2.27
CA GLU A 159 7.25 -7.53 -1.97
C GLU A 159 6.61 -7.87 -3.30
N THR A 160 6.92 -7.11 -4.31
CA THR A 160 6.38 -7.38 -5.60
C THR A 160 7.37 -8.10 -6.48
N PHE A 161 8.60 -7.65 -6.49
CA PHE A 161 9.60 -8.24 -7.34
C PHE A 161 10.36 -9.39 -6.67
N THR A 162 10.17 -10.59 -7.18
CA THR A 162 10.77 -11.79 -6.64
C THR A 162 11.75 -12.44 -7.56
N ASN A 163 12.62 -13.27 -7.00
CA ASN A 163 13.66 -14.03 -7.70
C ASN A 163 14.73 -13.17 -8.36
N VAL A 164 14.38 -12.50 -9.44
CA VAL A 164 15.30 -11.60 -10.07
C VAL A 164 15.07 -10.27 -9.42
N THR A 165 15.98 -9.85 -8.56
CA THR A 165 15.78 -8.60 -7.88
C THR A 165 16.88 -7.63 -8.12
N GLU A 166 17.79 -7.96 -8.98
CA GLU A 166 18.90 -7.07 -9.21
C GLU A 166 18.95 -6.67 -10.65
N PHE A 167 19.21 -5.41 -10.86
CA PHE A 167 19.25 -4.89 -12.19
C PHE A 167 20.37 -5.49 -13.01
N GLU A 168 20.05 -5.89 -14.22
CA GLU A 168 21.08 -6.40 -15.07
C GLU A 168 21.47 -5.35 -16.09
N TYR A 169 22.72 -4.93 -16.07
CA TYR A 169 23.24 -3.88 -16.94
C TYR A 169 22.95 -4.01 -18.44
N GLU A 170 23.21 -5.18 -19.00
CA GLU A 170 23.03 -5.42 -20.42
C GLU A 170 21.59 -5.35 -20.88
N ILE A 171 20.66 -5.70 -20.01
CA ILE A 171 19.27 -5.62 -20.33
C ILE A 171 18.91 -4.15 -20.52
N LEU A 172 19.40 -3.29 -19.64
CA LEU A 172 19.18 -1.88 -19.74
C LEU A 172 19.94 -1.32 -20.92
N ALA A 173 21.14 -1.77 -21.15
CA ALA A 173 21.90 -1.26 -22.27
C ALA A 173 21.28 -1.51 -23.63
N LYS A 174 20.78 -2.72 -23.84
CA LYS A 174 20.17 -3.08 -25.11
C LYS A 174 19.00 -2.18 -25.48
N ARG A 175 18.08 -2.00 -24.55
CA ARG A 175 16.92 -1.16 -24.77
C ARG A 175 17.28 0.31 -24.97
N LEU A 176 18.22 0.85 -24.21
CA LEU A 176 18.61 2.23 -24.34
C LEU A 176 19.27 2.51 -25.67
N ARG A 177 19.94 1.50 -26.22
CA ARG A 177 20.59 1.60 -27.52
C ARG A 177 19.53 1.76 -28.56
N GLU A 178 18.49 0.93 -28.51
CA GLU A 178 17.39 1.03 -29.43
C GLU A 178 16.77 2.42 -29.39
N LEU A 179 16.53 2.92 -28.18
CA LEU A 179 15.95 4.24 -27.97
C LEU A 179 16.75 5.39 -28.57
N SER A 180 18.06 5.32 -28.49
CA SER A 180 18.90 6.35 -29.06
C SER A 180 18.68 6.50 -30.54
N PHE A 181 18.58 5.42 -31.26
CA PHE A 181 18.33 5.49 -32.67
C PHE A 181 16.99 6.14 -32.98
N LEU A 182 15.99 5.78 -32.22
CA LEU A 182 14.65 6.32 -32.38
C LEU A 182 14.50 7.78 -31.89
N ASN A 183 15.29 8.20 -30.91
CA ASN A 183 15.21 9.57 -30.40
C ASN A 183 16.51 10.27 -30.71
N SER A 184 16.69 10.60 -31.96
CA SER A 184 17.90 11.26 -32.44
C SER A 184 18.13 12.60 -31.81
N GLY A 185 19.37 12.84 -31.45
CA GLY A 185 19.75 14.07 -30.82
C GLY A 185 19.64 14.05 -29.31
N VAL A 186 19.13 12.96 -28.76
CA VAL A 186 18.99 12.80 -27.36
C VAL A 186 20.16 11.98 -26.85
N SER A 187 20.91 12.51 -25.94
CA SER A 187 22.03 11.81 -25.39
C SER A 187 21.56 10.93 -24.25
N ILE A 188 21.96 9.67 -24.27
CA ILE A 188 21.58 8.75 -23.21
C ILE A 188 22.82 8.18 -22.57
N ARG A 189 23.01 8.47 -21.30
CA ARG A 189 24.12 7.97 -20.54
C ARG A 189 23.67 6.87 -19.58
N LEU A 190 24.42 5.79 -19.47
CA LEU A 190 24.12 4.72 -18.56
C LEU A 190 25.35 4.48 -17.71
N ARG A 191 25.19 4.52 -16.39
CA ARG A 191 26.27 4.35 -15.45
C ARG A 191 25.89 3.29 -14.42
N ASP A 192 26.83 2.42 -14.08
CA ASP A 192 26.64 1.39 -13.09
C ASP A 192 27.63 1.64 -11.97
N LYS A 193 27.12 1.99 -10.81
CA LYS A 193 27.95 2.28 -9.69
C LYS A 193 28.43 1.05 -8.93
N ARG A 194 27.90 -0.10 -9.24
CA ARG A 194 28.33 -1.31 -8.61
C ARG A 194 29.72 -1.72 -9.07
N ASP A 195 29.99 -1.55 -10.35
CA ASP A 195 31.25 -1.96 -10.91
C ASP A 195 31.85 -1.02 -11.90
N GLY A 196 31.41 0.22 -11.91
CA GLY A 196 31.98 1.19 -12.80
C GLY A 196 31.73 1.15 -14.27
N LYS A 197 30.86 0.27 -14.71
CA LYS A 197 30.58 0.18 -16.12
C LYS A 197 29.80 1.40 -16.58
N GLU A 198 30.06 1.88 -17.79
CA GLU A 198 29.33 3.01 -18.35
C GLU A 198 29.21 2.98 -19.88
N ASP A 199 28.21 3.67 -20.40
CA ASP A 199 27.95 3.72 -21.82
C ASP A 199 27.33 5.04 -22.21
N HIS A 200 27.41 5.37 -23.47
CA HIS A 200 26.89 6.60 -23.95
C HIS A 200 26.28 6.40 -25.31
N PHE A 201 24.98 6.36 -25.35
CA PHE A 201 24.24 6.17 -26.60
C PHE A 201 23.80 7.54 -27.11
N HIS A 202 24.20 7.86 -28.33
CA HIS A 202 23.86 9.14 -28.95
C HIS A 202 23.88 8.92 -30.45
N TYR A 203 22.71 9.03 -31.07
CA TYR A 203 22.57 9.04 -32.52
C TYR A 203 22.14 10.43 -32.97
N LEU B 1 -8.32 3.56 -0.91
CA LEU B 1 -7.55 3.43 0.32
C LEU B 1 -6.35 4.37 0.48
N ASP B 2 -5.83 4.87 -0.61
CA ASP B 2 -4.71 5.78 -0.58
C ASP B 2 -4.93 7.05 0.23
N ALA B 3 -6.14 7.58 0.28
CA ALA B 3 -6.40 8.71 1.13
C ALA B 3 -6.11 8.41 2.61
N VAL B 4 -6.36 7.20 3.09
CA VAL B 4 -6.07 6.79 4.45
C VAL B 4 -4.57 6.66 4.65
N ARG B 5 -3.93 5.99 3.73
CA ARG B 5 -2.51 5.76 3.76
C ARG B 5 -1.72 7.08 3.80
N LYS B 6 -2.17 8.04 3.03
CA LYS B 6 -1.61 9.35 2.96
C LYS B 6 -1.67 10.10 4.29
N ARG B 7 -2.81 10.08 4.94
CA ARG B 7 -2.98 10.77 6.23
C ARG B 7 -3.66 9.85 7.26
N PRO B 8 -2.91 8.87 7.81
CA PRO B 8 -3.52 7.86 8.72
C PRO B 8 -4.14 8.47 9.98
N GLY B 9 -3.43 9.44 10.56
CA GLY B 9 -3.91 10.28 11.65
C GLY B 9 -5.35 10.77 11.59
N MET B 10 -5.78 11.27 10.44
CA MET B 10 -7.16 11.76 10.30
C MET B 10 -8.24 10.69 10.46
N TYR B 11 -7.89 9.43 10.18
CA TYR B 11 -8.85 8.32 10.20
C TYR B 11 -8.81 7.54 11.51
N ILE B 12 -7.63 7.07 11.91
CA ILE B 12 -7.53 6.21 13.09
C ILE B 12 -7.21 6.95 14.40
N GLY B 13 -6.78 8.20 14.29
CA GLY B 13 -6.32 8.98 15.44
C GLY B 13 -4.81 8.95 15.51
N ASP B 14 -4.29 9.10 16.73
CA ASP B 14 -2.86 9.31 16.98
C ASP B 14 -2.11 7.98 16.85
N THR B 15 -1.16 7.94 15.92
CA THR B 15 -0.42 6.73 15.60
C THR B 15 0.86 6.53 16.44
N ASP B 16 1.00 7.36 17.45
CA ASP B 16 2.18 7.39 18.26
C ASP B 16 2.00 7.17 19.75
N ASP B 17 0.82 7.44 20.28
CA ASP B 17 0.59 7.26 21.69
C ASP B 17 -0.23 6.05 22.08
N GLY B 18 -0.45 5.14 21.17
CA GLY B 18 -1.22 3.95 21.46
C GLY B 18 -2.71 4.03 21.23
N THR B 19 -3.21 5.25 21.14
CA THR B 19 -4.62 5.51 20.94
C THR B 19 -5.09 4.90 19.65
N GLY B 20 -4.46 5.27 18.56
CA GLY B 20 -4.80 4.72 17.28
C GLY B 20 -4.70 3.21 17.20
N LEU B 21 -3.63 2.67 17.76
CA LEU B 21 -3.42 1.26 17.77
C LEU B 21 -4.60 0.47 18.32
N HIS B 22 -5.07 0.87 19.47
CA HIS B 22 -6.16 0.24 20.13
C HIS B 22 -7.44 0.60 19.43
N HIS B 23 -7.55 1.76 18.85
CA HIS B 23 -8.74 2.07 18.09
C HIS B 23 -8.92 1.03 16.96
N MET B 24 -7.84 0.53 16.38
CA MET B 24 -7.92 -0.53 15.37
C MET B 24 -8.75 -1.70 15.90
N VAL B 25 -8.46 -2.17 17.10
CA VAL B 25 -9.19 -3.23 17.71
C VAL B 25 -10.64 -2.90 17.91
N PHE B 26 -10.94 -1.71 18.40
CA PHE B 26 -12.31 -1.35 18.68
C PHE B 26 -13.18 -1.26 17.45
N GLU B 27 -12.61 -0.79 16.36
CA GLU B 27 -13.31 -0.70 15.11
C GLU B 27 -13.72 -2.07 14.64
N VAL B 28 -12.83 -3.04 14.75
CA VAL B 28 -13.15 -4.36 14.35
C VAL B 28 -14.24 -4.95 15.25
N VAL B 29 -14.08 -4.74 16.53
CA VAL B 29 -15.01 -5.21 17.52
C VAL B 29 -16.40 -4.66 17.25
N ASP B 30 -16.51 -3.36 16.99
CA ASP B 30 -17.80 -2.77 16.65
C ASP B 30 -18.50 -3.53 15.49
N ASN B 31 -17.78 -3.85 14.43
CA ASN B 31 -18.35 -4.60 13.33
C ASN B 31 -18.76 -6.01 13.76
N ALA B 32 -17.92 -6.64 14.55
CA ALA B 32 -18.15 -7.96 15.07
C ALA B 32 -19.40 -8.02 15.92
N ILE B 33 -19.60 -7.01 16.74
CA ILE B 33 -20.76 -6.93 17.58
C ILE B 33 -21.99 -6.74 16.73
N ASP B 34 -21.90 -5.95 15.68
CA ASP B 34 -23.03 -5.77 14.79
C ASP B 34 -23.36 -7.14 14.17
N GLU B 35 -22.35 -7.89 13.75
CA GLU B 35 -22.56 -9.26 13.22
C GLU B 35 -23.22 -10.20 14.24
N ALA B 36 -22.68 -10.24 15.44
CA ALA B 36 -23.18 -11.13 16.49
C ALA B 36 -24.62 -10.80 16.86
N LEU B 37 -24.98 -9.54 16.74
CA LEU B 37 -26.30 -9.06 17.08
C LEU B 37 -27.37 -9.54 16.15
N ALA B 38 -27.01 -9.89 14.94
CA ALA B 38 -27.97 -10.36 13.96
C ALA B 38 -28.22 -11.85 14.06
N GLY B 39 -27.50 -12.54 14.93
CA GLY B 39 -27.67 -13.96 15.12
C GLY B 39 -28.34 -14.24 16.45
N HIS B 40 -28.49 -15.49 16.78
CA HIS B 40 -29.15 -15.79 18.03
C HIS B 40 -28.24 -16.11 19.18
N CYS B 41 -27.22 -16.94 18.97
CA CYS B 41 -26.35 -17.27 20.09
C CYS B 41 -25.43 -16.11 20.49
N LYS B 42 -25.10 -15.25 19.56
CA LYS B 42 -24.32 -14.03 19.78
C LYS B 42 -23.04 -14.07 20.59
N GLU B 43 -21.94 -14.47 19.99
CA GLU B 43 -20.69 -14.44 20.71
C GLU B 43 -19.54 -13.88 19.88
N ILE B 44 -18.62 -13.17 20.53
CA ILE B 44 -17.42 -12.69 19.90
C ILE B 44 -16.25 -13.06 20.81
N ILE B 45 -15.13 -13.37 20.19
CA ILE B 45 -13.91 -13.77 20.85
C ILE B 45 -12.80 -12.90 20.37
N VAL B 46 -12.19 -12.18 21.27
CA VAL B 46 -11.11 -11.30 20.99
C VAL B 46 -9.84 -11.86 21.57
N THR B 47 -8.91 -12.15 20.70
CA THR B 47 -7.66 -12.72 21.09
C THR B 47 -6.45 -11.90 20.75
N ILE B 48 -5.61 -11.68 21.74
CA ILE B 48 -4.32 -11.03 21.54
C ILE B 48 -3.33 -12.18 21.34
N HIS B 49 -2.79 -12.31 20.13
CA HIS B 49 -1.82 -13.35 19.80
C HIS B 49 -0.39 -12.95 20.18
N ALA B 50 0.49 -13.94 20.34
CA ALA B 50 1.87 -13.71 20.79
C ALA B 50 2.77 -13.01 19.77
N ASP B 51 2.31 -12.89 18.52
CA ASP B 51 3.00 -12.08 17.51
C ASP B 51 2.50 -10.62 17.41
N ASN B 52 1.87 -10.12 18.49
CA ASN B 52 1.11 -8.86 18.51
C ASN B 52 0.21 -8.59 17.27
N SER B 53 -0.54 -9.62 16.89
CA SER B 53 -1.77 -9.45 16.12
C SER B 53 -2.96 -9.64 17.05
N VAL B 54 -4.12 -9.14 16.63
CA VAL B 54 -5.40 -9.39 17.29
C VAL B 54 -6.35 -10.02 16.28
N SER B 55 -7.04 -11.08 16.70
CA SER B 55 -8.17 -11.66 16.00
C SER B 55 -9.50 -11.38 16.72
N VAL B 56 -10.55 -11.18 15.92
CA VAL B 56 -11.90 -11.05 16.43
C VAL B 56 -12.75 -12.04 15.64
N GLN B 57 -13.37 -12.99 16.34
CA GLN B 57 -14.27 -13.99 15.74
C GLN B 57 -15.69 -13.69 16.15
N ASP B 58 -16.63 -13.68 15.21
CA ASP B 58 -18.05 -13.63 15.55
C ASP B 58 -18.75 -14.86 14.98
N ASP B 59 -19.89 -15.19 15.58
CA ASP B 59 -20.73 -16.25 15.09
C ASP B 59 -21.95 -15.71 14.32
N GLY B 60 -21.77 -14.56 13.65
CA GLY B 60 -22.82 -13.99 12.81
C GLY B 60 -23.05 -14.80 11.54
N ARG B 61 -23.71 -14.17 10.57
CA ARG B 61 -24.15 -14.81 9.35
C ARG B 61 -23.03 -14.86 8.30
N GLY B 62 -21.91 -14.21 8.59
CA GLY B 62 -20.81 -14.17 7.65
C GLY B 62 -21.01 -12.98 6.74
N ILE B 63 -19.93 -12.21 6.56
CA ILE B 63 -19.91 -11.10 5.61
C ILE B 63 -20.27 -11.70 4.23
N PRO B 64 -21.14 -11.03 3.46
CA PRO B 64 -21.51 -11.59 2.14
C PRO B 64 -20.30 -11.79 1.22
N THR B 65 -20.34 -12.87 0.45
CA THR B 65 -19.19 -13.30 -0.34
C THR B 65 -19.39 -13.31 -1.86
N GLY B 66 -20.61 -13.07 -2.34
CA GLY B 66 -20.87 -13.02 -3.76
C GLY B 66 -20.19 -11.86 -4.44
N ILE B 67 -19.93 -12.03 -5.73
CA ILE B 67 -19.28 -10.98 -6.53
C ILE B 67 -20.19 -9.76 -6.58
N HIS B 68 -19.64 -8.58 -6.28
CA HIS B 68 -20.40 -7.33 -6.32
C HIS B 68 -20.55 -6.94 -7.77
N PRO B 69 -21.76 -6.68 -8.19
CA PRO B 69 -22.18 -6.37 -9.54
C PRO B 69 -21.36 -5.30 -10.24
N GLU B 70 -21.08 -4.21 -9.57
CA GLU B 70 -20.34 -3.12 -10.13
C GLU B 70 -18.86 -3.14 -9.77
N GLU B 71 -18.51 -3.64 -8.62
CA GLU B 71 -17.11 -3.65 -8.23
C GLU B 71 -16.26 -4.74 -8.88
N GLY B 72 -16.86 -5.87 -9.19
CA GLY B 72 -16.20 -6.98 -9.89
C GLY B 72 -15.42 -7.97 -9.03
N VAL B 73 -15.52 -7.80 -7.72
CA VAL B 73 -14.89 -8.67 -6.73
C VAL B 73 -15.93 -8.98 -5.67
N SER B 74 -15.64 -9.98 -4.84
CA SER B 74 -16.53 -10.37 -3.74
C SER B 74 -16.94 -9.17 -2.87
N ALA B 75 -18.13 -9.25 -2.29
CA ALA B 75 -18.64 -8.18 -1.44
C ALA B 75 -17.74 -7.93 -0.22
N ALA B 76 -17.17 -9.01 0.32
CA ALA B 76 -16.23 -8.89 1.45
C ALA B 76 -15.05 -8.01 1.07
N GLU B 77 -14.49 -8.24 -0.12
CA GLU B 77 -13.34 -7.43 -0.56
C GLU B 77 -13.72 -5.96 -0.74
N VAL B 78 -14.88 -5.71 -1.32
CA VAL B 78 -15.41 -4.36 -1.45
C VAL B 78 -15.45 -3.70 -0.07
N ILE B 79 -16.02 -4.38 0.93
CA ILE B 79 -16.05 -3.89 2.32
C ILE B 79 -14.64 -3.60 2.88
N MET B 80 -13.68 -4.49 2.61
CA MET B 80 -12.33 -4.35 3.13
C MET B 80 -11.50 -3.26 2.43
N THR B 81 -11.84 -2.90 1.18
CA THR B 81 -10.98 -1.99 0.37
C THR B 81 -11.61 -0.66 -0.11
N VAL B 82 -12.91 -0.46 0.12
CA VAL B 82 -13.63 0.75 -0.33
C VAL B 82 -14.09 1.46 0.94
N LEU B 83 -13.66 2.71 1.13
CA LEU B 83 -13.90 3.41 2.40
C LEU B 83 -15.23 4.16 2.42
N GLY B 102 -18.97 4.44 12.57
CA GLY B 102 -17.52 4.40 12.85
C GLY B 102 -16.72 4.56 11.57
N VAL B 103 -15.41 4.33 11.68
CA VAL B 103 -14.46 4.66 10.60
C VAL B 103 -14.39 3.65 9.44
N GLY B 104 -15.00 2.48 9.60
CA GLY B 104 -14.95 1.42 8.59
C GLY B 104 -13.77 0.49 8.79
N VAL B 105 -14.01 -0.81 8.58
CA VAL B 105 -12.95 -1.82 8.67
C VAL B 105 -11.88 -1.64 7.58
N SER B 106 -12.26 -1.08 6.43
CA SER B 106 -11.28 -0.74 5.38
C SER B 106 -10.12 0.10 5.89
N VAL B 107 -10.38 0.98 6.86
CA VAL B 107 -9.31 1.77 7.48
C VAL B 107 -8.35 0.86 8.25
N VAL B 108 -8.89 -0.08 9.03
CA VAL B 108 -8.08 -1.03 9.74
C VAL B 108 -7.18 -1.85 8.79
N ASN B 109 -7.78 -2.36 7.72
CA ASN B 109 -7.07 -3.10 6.65
C ASN B 109 -5.91 -2.29 6.05
N ALA B 110 -6.21 -1.06 5.64
CA ALA B 110 -5.22 -0.15 5.05
C ALA B 110 -3.99 0.08 5.93
N LEU B 111 -4.20 0.16 7.23
CA LEU B 111 -3.16 0.40 8.18
C LEU B 111 -2.64 -0.85 8.85
N SER B 112 -2.89 -1.96 8.23
CA SER B 112 -2.45 -3.21 8.75
C SER B 112 -1.42 -3.76 7.85
N GLN B 113 -0.30 -4.20 8.35
CA GLN B 113 0.66 -4.86 7.48
C GLN B 113 0.15 -6.25 6.95
N LYS B 114 -0.72 -6.90 7.69
CA LYS B 114 -1.36 -8.10 7.31
C LYS B 114 -2.73 -8.15 7.92
N LEU B 115 -3.67 -8.67 7.16
CA LEU B 115 -5.00 -8.91 7.60
C LEU B 115 -5.49 -10.24 7.00
N GLU B 116 -5.99 -11.11 7.85
CA GLU B 116 -6.48 -12.43 7.47
C GLU B 116 -7.97 -12.39 7.71
N LEU B 117 -8.71 -12.84 6.70
CA LEU B 117 -10.15 -12.78 6.71
C LEU B 117 -10.67 -14.19 6.54
N VAL B 118 -11.52 -14.65 7.46
CA VAL B 118 -12.14 -15.99 7.35
C VAL B 118 -13.66 -15.91 7.55
N ILE B 119 -14.41 -16.20 6.48
CA ILE B 119 -15.87 -16.11 6.48
C ILE B 119 -16.47 -17.49 6.30
N GLN B 120 -17.26 -17.90 7.29
CA GLN B 120 -18.02 -19.13 7.22
C GLN B 120 -19.46 -18.79 6.91
N ARG B 121 -19.95 -19.30 5.78
CA ARG B 121 -21.24 -18.91 5.23
C ARG B 121 -21.74 -19.87 4.15
N GLU B 122 -23.03 -20.22 4.21
CA GLU B 122 -23.69 -21.10 3.21
C GLU B 122 -23.02 -22.47 3.03
N GLY B 123 -22.63 -23.06 4.16
CA GLY B 123 -21.88 -24.32 4.17
C GLY B 123 -20.40 -24.25 3.81
N LYS B 124 -19.86 -23.05 3.53
CA LYS B 124 -18.51 -22.90 2.97
C LYS B 124 -17.61 -21.96 3.80
N ILE B 125 -16.33 -22.32 3.86
CA ILE B 125 -15.28 -21.52 4.48
C ILE B 125 -14.65 -20.70 3.37
N HIS B 126 -14.50 -19.40 3.58
CA HIS B 126 -13.88 -18.49 2.62
C HIS B 126 -12.69 -17.86 3.30
N ARG B 127 -11.59 -17.69 2.56
CA ARG B 127 -10.34 -17.16 3.08
C ARG B 127 -9.72 -16.13 2.13
N GLN B 128 -9.19 -15.06 2.71
CA GLN B 128 -8.44 -14.08 1.96
C GLN B 128 -7.42 -13.41 2.87
N ILE B 129 -6.29 -13.05 2.28
CA ILE B 129 -5.21 -12.35 3.02
C ILE B 129 -4.94 -11.02 2.34
N TYR B 130 -4.70 -9.98 3.15
CA TYR B 130 -4.37 -8.66 2.66
C TYR B 130 -3.05 -8.29 3.30
N GLU B 131 -2.27 -7.47 2.60
CA GLU B 131 -1.09 -6.81 3.16
C GLU B 131 -1.16 -5.33 2.83
N HIS B 132 -1.09 -4.49 3.86
CA HIS B 132 -1.26 -3.03 3.74
C HIS B 132 -2.50 -2.69 2.90
N GLY B 133 -3.57 -3.45 3.11
CA GLY B 133 -4.83 -3.22 2.41
C GLY B 133 -4.96 -3.81 1.02
N VAL B 134 -3.90 -4.45 0.52
CA VAL B 134 -3.86 -5.03 -0.81
C VAL B 134 -4.19 -6.55 -0.75
N PRO B 135 -5.24 -6.98 -1.45
CA PRO B 135 -5.57 -8.40 -1.44
C PRO B 135 -4.52 -9.23 -2.19
N GLN B 136 -4.03 -10.29 -1.53
CA GLN B 136 -3.03 -11.16 -2.12
C GLN B 136 -3.61 -12.11 -3.17
N ALA B 137 -4.86 -12.50 -2.99
CA ALA B 137 -5.61 -13.31 -3.97
C ALA B 137 -7.07 -12.99 -3.78
N PRO B 138 -7.92 -13.34 -4.76
CA PRO B 138 -9.38 -13.17 -4.55
C PRO B 138 -9.92 -14.12 -3.50
N LEU B 139 -10.98 -13.69 -2.82
CA LEU B 139 -11.65 -14.51 -1.81
C LEU B 139 -11.90 -15.92 -2.37
N ALA B 140 -11.47 -16.93 -1.64
CA ALA B 140 -11.55 -18.30 -2.15
C ALA B 140 -12.27 -19.22 -1.18
N VAL B 141 -13.14 -20.07 -1.74
CA VAL B 141 -13.74 -21.18 -0.99
C VAL B 141 -12.67 -22.25 -0.81
N THR B 142 -12.22 -22.44 0.42
CA THR B 142 -11.22 -23.44 0.75
C THR B 142 -11.81 -24.71 1.35
N GLY B 143 -13.08 -24.68 1.76
CA GLY B 143 -13.64 -25.83 2.44
C GLY B 143 -15.06 -25.69 2.89
N GLU B 144 -15.48 -26.62 3.73
CA GLU B 144 -16.87 -26.76 4.16
C GLU B 144 -17.02 -26.54 5.66
N THR B 145 -18.23 -26.19 6.05
CA THR B 145 -18.54 -25.92 7.42
C THR B 145 -20.00 -25.96 7.71
N GLU B 146 -20.32 -26.26 8.95
CA GLU B 146 -21.69 -26.29 9.42
C GLU B 146 -22.02 -24.99 10.15
N LYS B 147 -20.98 -24.27 10.57
CA LYS B 147 -21.13 -23.01 11.26
C LYS B 147 -21.13 -21.78 10.40
N THR B 148 -21.43 -20.66 11.00
CA THR B 148 -21.35 -19.37 10.30
C THR B 148 -20.60 -18.34 11.15
N GLY B 149 -20.06 -17.33 10.48
CA GLY B 149 -19.31 -16.30 11.18
C GLY B 149 -18.23 -15.66 10.35
N THR B 150 -17.62 -14.64 10.95
CA THR B 150 -16.58 -13.83 10.34
C THR B 150 -15.46 -13.72 11.36
N MET B 151 -14.25 -14.08 10.92
CA MET B 151 -13.02 -13.87 11.68
C MET B 151 -12.13 -12.89 10.89
N VAL B 152 -11.67 -11.85 11.58
CA VAL B 152 -10.69 -10.90 11.10
C VAL B 152 -9.53 -10.89 12.10
N ARG B 153 -8.32 -11.07 11.59
CA ARG B 153 -7.09 -11.02 12.37
C ARG B 153 -6.15 -10.06 11.67
N PHE B 154 -5.65 -9.07 12.40
CA PHE B 154 -4.81 -8.09 11.79
C PHE B 154 -3.54 -7.87 12.57
N TRP B 155 -2.49 -7.59 11.80
CA TRP B 155 -1.17 -7.25 12.30
C TRP B 155 -0.99 -5.75 11.99
N PRO B 156 -0.95 -4.89 13.02
CA PRO B 156 -0.82 -3.46 12.79
C PRO B 156 0.44 -3.09 12.04
N SER B 157 0.36 -2.15 11.10
CA SER B 157 1.56 -1.75 10.34
C SER B 157 2.50 -0.96 11.25
N LEU B 158 3.70 -1.48 11.43
CA LEU B 158 4.72 -0.81 12.24
C LEU B 158 5.38 0.38 11.49
N GLU B 159 5.07 0.54 10.21
CA GLU B 159 5.42 1.74 9.45
C GLU B 159 4.47 2.87 9.78
N THR B 160 3.22 2.52 10.11
CA THR B 160 2.24 3.52 10.53
C THR B 160 2.31 3.74 12.04
N PHE B 161 2.19 2.66 12.80
CA PHE B 161 2.13 2.73 14.27
C PHE B 161 3.51 2.67 14.91
N THR B 162 3.91 3.81 15.47
CA THR B 162 5.21 4.02 16.09
C THR B 162 5.11 4.21 17.60
N ASN B 163 6.23 3.98 18.27
CA ASN B 163 6.38 4.23 19.71
C ASN B 163 5.57 3.23 20.56
N VAL B 164 4.24 3.32 20.58
CA VAL B 164 3.41 2.26 21.22
C VAL B 164 2.93 1.25 20.17
N THR B 165 3.49 0.05 20.20
CA THR B 165 3.23 -0.97 19.16
C THR B 165 2.65 -2.30 19.68
N GLU B 166 2.48 -2.43 20.98
CA GLU B 166 1.99 -3.67 21.58
C GLU B 166 0.67 -3.36 22.27
N PHE B 167 -0.23 -4.32 22.26
CA PHE B 167 -1.55 -4.13 22.84
C PHE B 167 -1.48 -4.31 24.35
N GLU B 168 -2.21 -3.46 25.06
CA GLU B 168 -2.30 -3.48 26.50
C GLU B 168 -3.65 -4.13 26.84
N TYR B 169 -3.58 -5.37 27.37
CA TYR B 169 -4.76 -6.16 27.77
C TYR B 169 -5.79 -5.33 28.52
N GLU B 170 -5.33 -4.59 29.53
CA GLU B 170 -6.24 -3.86 30.39
C GLU B 170 -7.12 -2.88 29.61
N ILE B 171 -6.54 -2.12 28.66
CA ILE B 171 -7.31 -1.18 27.83
C ILE B 171 -8.42 -1.92 27.05
N LEU B 172 -8.12 -3.08 26.50
CA LEU B 172 -9.13 -3.85 25.80
C LEU B 172 -10.24 -4.35 26.75
N ALA B 173 -9.84 -4.93 27.88
CA ALA B 173 -10.78 -5.45 28.88
C ALA B 173 -11.76 -4.41 29.38
N LYS B 174 -11.26 -3.21 29.70
CA LYS B 174 -12.07 -2.09 30.24
C LYS B 174 -13.19 -1.72 29.25
N ARG B 175 -12.79 -1.48 28.00
CA ARG B 175 -13.72 -1.17 26.91
C ARG B 175 -14.71 -2.29 26.63
N LEU B 176 -14.22 -3.51 26.52
CA LEU B 176 -15.07 -4.66 26.21
C LEU B 176 -16.08 -4.91 27.35
N ARG B 177 -15.67 -4.63 28.58
CA ARG B 177 -16.58 -4.67 29.73
C ARG B 177 -17.68 -3.60 29.61
N GLU B 178 -17.30 -2.37 29.28
CA GLU B 178 -18.29 -1.28 29.07
C GLU B 178 -19.25 -1.63 27.95
N LEU B 179 -18.75 -2.19 26.86
CA LEU B 179 -19.54 -2.51 25.71
C LEU B 179 -20.52 -3.60 25.97
N SER B 180 -20.16 -4.52 26.85
CA SER B 180 -21.03 -5.61 27.16
C SER B 180 -22.34 -5.18 27.77
N PHE B 181 -22.33 -4.12 28.53
CA PHE B 181 -23.53 -3.58 29.11
C PHE B 181 -24.43 -2.92 28.06
N LEU B 182 -23.87 -2.45 26.97
CA LEU B 182 -24.67 -1.83 25.95
C LEU B 182 -25.19 -2.79 24.94
N ASN B 183 -24.71 -4.01 24.97
CA ASN B 183 -25.12 -5.07 24.04
C ASN B 183 -25.60 -6.34 24.72
N SER B 184 -26.85 -6.36 25.11
CA SER B 184 -27.43 -7.48 25.85
C SER B 184 -27.56 -8.77 25.11
N GLY B 185 -27.06 -9.81 25.75
CA GLY B 185 -27.07 -11.11 25.18
C GLY B 185 -25.83 -11.48 24.46
N VAL B 186 -24.98 -10.51 24.18
CA VAL B 186 -23.75 -10.76 23.49
C VAL B 186 -22.62 -11.16 24.40
N SER B 187 -22.12 -12.34 24.18
CA SER B 187 -21.00 -12.86 24.93
C SER B 187 -19.72 -12.33 24.32
N ILE B 188 -18.89 -11.70 25.13
CA ILE B 188 -17.58 -11.22 24.66
C ILE B 188 -16.46 -11.90 25.47
N ARG B 189 -15.69 -12.75 24.81
CA ARG B 189 -14.51 -13.37 25.43
C ARG B 189 -13.21 -12.68 25.01
N LEU B 190 -12.34 -12.43 25.98
CA LEU B 190 -11.05 -11.82 25.77
C LEU B 190 -9.97 -12.80 26.20
N ARG B 191 -9.03 -13.10 25.30
CA ARG B 191 -7.94 -14.06 25.55
C ARG B 191 -6.62 -13.42 25.18
N ASP B 192 -5.66 -13.49 26.09
CA ASP B 192 -4.30 -13.06 25.84
C ASP B 192 -3.41 -14.30 25.82
N LYS B 193 -2.96 -14.68 24.62
CA LYS B 193 -2.06 -15.84 24.45
C LYS B 193 -0.59 -15.57 24.89
N ARG B 194 -0.24 -14.30 25.14
CA ARG B 194 1.07 -13.94 25.68
C ARG B 194 1.27 -14.45 27.11
N ASP B 195 0.22 -14.41 27.93
CA ASP B 195 0.31 -14.82 29.30
C ASP B 195 -0.78 -15.75 29.78
N GLY B 196 -1.78 -16.01 28.99
CA GLY B 196 -2.82 -16.89 29.43
C GLY B 196 -4.01 -16.23 30.08
N LYS B 197 -3.98 -14.92 30.21
CA LYS B 197 -5.09 -14.20 30.81
C LYS B 197 -6.39 -14.28 30.00
N GLU B 198 -7.48 -14.53 30.68
CA GLU B 198 -8.79 -14.64 30.08
C GLU B 198 -9.86 -13.89 30.86
N ASP B 199 -10.89 -13.47 30.17
CA ASP B 199 -12.01 -12.75 30.74
C ASP B 199 -13.23 -13.02 29.92
N HIS B 200 -14.36 -13.05 30.56
CA HIS B 200 -15.63 -13.26 29.89
C HIS B 200 -16.63 -12.20 30.36
N PHE B 201 -17.06 -11.38 29.44
CA PHE B 201 -17.98 -10.32 29.70
C PHE B 201 -19.30 -10.64 29.03
N HIS B 202 -20.28 -10.96 29.85
CA HIS B 202 -21.58 -11.33 29.35
C HIS B 202 -22.65 -10.74 30.21
N TYR B 203 -23.39 -9.80 29.65
CA TYR B 203 -24.43 -9.14 30.37
C TYR B 203 -25.74 -9.44 29.76
N GLU B 204 -26.64 -9.92 30.57
CA GLU B 204 -27.95 -10.22 30.10
C GLU B 204 -28.87 -9.19 30.68
N GLY B 205 -29.32 -8.30 29.84
CA GLY B 205 -30.22 -7.24 30.21
C GLY B 205 -31.25 -7.20 29.12
N GLY B 206 -32.49 -7.00 29.47
CA GLY B 206 -33.56 -6.98 28.50
C GLY B 206 -34.07 -8.38 28.24
NAF AX7 C . 1.67 -1.11 0.25
CAI AX7 C . 2.71 -1.39 1.13
CAD AX7 C . 3.57 -2.49 1.19
CAB AX7 C . 4.56 -2.50 2.17
CAC AX7 C . 4.70 -1.46 3.05
CAE AX7 C . 3.85 -0.36 3.00
CAJ AX7 C . 2.88 -0.34 2.03
NAG AX7 C . 1.92 0.60 1.70
CAH AX7 C . 1.24 0.10 0.62
NAA AX7 C . 0.35 0.81 -0.04
C1 HF6 D . 7.83 12.11 -15.91
C2 HF6 D . 7.95 10.93 -15.18
C3 HF6 D . 9.19 10.42 -14.84
C4 HF6 D . 10.34 11.09 -15.21
C5 HF6 D . 10.25 12.26 -15.95
C6 HF6 D . 9.01 12.77 -16.28
C8 HF6 D . 6.51 12.59 -16.31
C9 HF6 D . 6.17 13.64 -17.04
C10 HF6 D . 4.78 13.87 -17.46
C13 HF6 D . 4.87 16.24 -17.53
O7 HF6 D . 11.56 10.61 -14.82
O11 HF6 D . 3.85 13.13 -17.19
O12 HF6 D . 4.65 14.97 -18.20
P PO4 E . 24.41 6.97 -3.94
O1 PO4 E . 24.81 6.10 -5.12
O2 PO4 E . 23.43 6.24 -3.04
O3 PO4 E . 25.61 7.32 -3.10
O4 PO4 E . 23.78 8.25 -4.43
C1 HF6 F . -17.33 -6.77 9.45
C2 HF6 F . -17.63 -7.95 10.12
C3 HF6 F . -16.74 -8.53 11.01
C4 HF6 F . -15.50 -7.94 11.22
C5 HF6 F . -15.17 -6.77 10.56
C6 HF6 F . -16.07 -6.20 9.68
C8 HF6 F . -18.37 -6.18 8.59
C9 HF6 F . -18.31 -5.05 7.89
C10 HF6 F . -19.42 -4.49 7.09
C13 HF6 F . -21.47 -5.09 6.06
O7 HF6 F . -14.62 -8.57 12.07
O11 HF6 F . -19.39 -3.44 6.51
O12 HF6 F . -20.50 -5.29 7.12
P PO4 G . -1.42 -18.40 16.59
O1 PO4 G . -2.53 -18.67 15.60
O2 PO4 G . -0.47 -17.35 16.06
O3 PO4 G . -0.71 -19.73 16.79
O4 PO4 G . -1.94 -17.86 17.90
#